data_1GI8
#
_entry.id   1GI8
#
_cell.length_a   82.20
_cell.length_b   48.77
_cell.length_c   67.02
_cell.angle_alpha   90.0
_cell.angle_beta   113.53
_cell.angle_gamma   90.0
#
_symmetry.space_group_name_H-M   'C 1 2 1'
#
loop_
_entity.id
_entity.type
_entity.pdbx_description
1 polymer 'UROKINASE-TYPE PLASMINOGEN ACTIVATOR'
2 polymer 'UROKINASE-TYPE PLASMINOGEN ACTIVATOR'
3 non-polymer 'CITRIC ACID'
4 non-polymer 2-(2-HYDROXY-PHENYL)-1H-BENZOIMIDAZOLE-5-CARBOXAMIDINE
5 water water
#
loop_
_entity_poly.entity_id
_entity_poly.type
_entity_poly.pdbx_seq_one_letter_code
_entity_poly.pdbx_strand_id
1 'polypeptide(L)' KPSSPPEELKFQCGQKTLRPRFK A
2 'polypeptide(L)'
;IIGGEFTTIENQPWFAAIYRRHRGGSVTYVCGGSLMSPCWVISATHCFIDYPKKEDYIVYLGRSRLNSNTQGEMKFEVEN
LILHKDYSADTLAHHNDIALLKIRSKEGRCAQPSRTIQTICLPSMYNDPQFGTSCEITGFGKEASTDYLYPEQLKMTVVK
LISHRECQQPHYYGSEVTTKMLCAADPQWKTDSCQGDSGGPLVCSLQGRMTLTGIVSWGRGCALKDKPGVYTRVSHFLPW
IRSHT
;
B
#
loop_
_chem_comp.id
_chem_comp.type
_chem_comp.name
_chem_comp.formula
BMZ non-polymer 2-(2-HYDROXY-PHENYL)-1H-BENZOIMIDAZOLE-5-CARBOXAMIDINE 'C14 H13 N4 O 1'
CIT non-polymer 'CITRIC ACID' 'C6 H8 O7'
#
# COMPACT_ATOMS: atom_id res chain seq x y z
N LEU A 9 13.63 -5.22 19.78
CA LEU A 9 12.79 -5.65 20.92
C LEU A 9 11.34 -5.16 20.75
N LYS A 10 11.11 -3.86 20.69
CA LYS A 10 9.70 -3.35 20.50
C LYS A 10 9.72 -2.50 19.25
N PHE A 11 8.55 -2.24 18.77
CA PHE A 11 8.41 -1.44 17.55
C PHE A 11 8.50 0.06 17.88
N GLN A 12 8.86 0.79 16.86
CA GLN A 12 9.02 2.26 16.89
C GLN A 12 8.61 2.56 15.47
N CYS A 13 7.34 2.80 15.32
CA CYS A 13 6.77 3.09 13.98
C CYS A 13 7.60 4.08 13.21
N GLY A 14 7.76 3.89 11.94
CA GLY A 14 8.57 4.87 11.16
C GLY A 14 10.08 4.71 11.19
N GLN A 15 10.60 4.15 12.25
CA GLN A 15 12.08 3.97 12.33
C GLN A 15 12.58 2.84 11.47
N LYS A 16 13.47 3.16 10.57
CA LYS A 16 14.03 2.10 9.70
C LYS A 16 15.29 1.76 10.47
N THR A 17 16.10 2.76 10.65
CA THR A 17 17.37 2.60 11.38
C THR A 17 17.25 3.77 12.40
N ILE B 1 6.02 -0.47 -10.28
CA ILE B 1 6.39 0.95 -10.15
C ILE B 1 7.08 1.22 -11.44
N ILE B 2 6.81 2.35 -12.03
CA ILE B 2 7.46 2.68 -13.32
C ILE B 2 8.55 3.59 -12.77
N GLY B 3 9.74 3.38 -13.19
CA GLY B 3 10.84 4.23 -12.70
C GLY B 3 11.15 3.68 -11.35
N GLY B 4 11.95 4.37 -10.60
CA GLY B 4 12.27 3.84 -9.25
C GLY B 4 13.65 3.21 -9.25
N GLU B 5 13.97 2.62 -8.16
CA GLU B 5 15.26 1.93 -7.95
C GLU B 5 14.83 0.60 -7.39
N PHE B 6 15.70 -0.34 -7.33
CA PHE B 6 15.30 -1.66 -6.76
C PHE B 6 15.72 -1.43 -5.31
N THR B 7 15.05 -2.02 -4.36
CA THR B 7 15.44 -1.80 -2.94
C THR B 7 15.35 -3.17 -2.18
N THR B 8 15.52 -3.11 -0.89
CA THR B 8 15.45 -4.32 -0.06
C THR B 8 14.40 -3.87 0.97
N ILE B 9 13.87 -4.82 1.67
CA ILE B 9 12.86 -4.50 2.69
C ILE B 9 13.46 -3.62 3.82
N GLU B 10 14.75 -3.68 4.07
CA GLU B 10 15.31 -2.81 5.17
C GLU B 10 14.90 -1.35 4.98
N ASN B 11 14.61 -0.99 3.75
CA ASN B 11 14.21 0.42 3.45
C ASN B 11 12.71 0.71 3.57
N GLN B 12 11.94 -0.32 3.79
CA GLN B 12 10.46 -0.21 3.95
C GLN B 12 10.03 -1.33 4.87
N PRO B 13 10.54 -1.37 6.07
CA PRO B 13 10.41 -2.57 6.96
C PRO B 13 8.96 -2.85 7.37
N TRP B 14 8.10 -1.95 7.02
CA TRP B 14 6.63 -2.05 7.34
C TRP B 14 5.86 -2.54 6.12
N PHE B 15 6.52 -2.74 5.01
CA PHE B 15 5.81 -3.22 3.78
C PHE B 15 5.42 -4.72 3.95
N ALA B 16 4.21 -5.07 3.56
CA ALA B 16 3.71 -6.46 3.67
C ALA B 16 3.35 -6.90 2.30
N ALA B 17 3.61 -8.16 2.04
CA ALA B 17 3.33 -8.82 0.73
C ALA B 17 2.20 -9.80 0.96
N ILE B 18 1.14 -9.64 0.25
CA ILE B 18 -0.04 -10.55 0.42
C ILE B 18 -0.12 -11.43 -0.82
N TYR B 19 -0.26 -12.69 -0.60
CA TYR B 19 -0.35 -13.69 -1.70
C TYR B 19 -1.64 -14.47 -1.53
N ARG B 20 -2.03 -15.19 -2.56
CA ARG B 20 -3.26 -15.99 -2.51
C ARG B 20 -2.84 -17.41 -2.90
N ARG B 21 -3.45 -18.36 -2.26
CA ARG B 21 -3.13 -19.78 -2.55
C ARG B 21 -4.20 -20.27 -3.53
N HIS B 22 -3.80 -21.22 -4.30
CA HIS B 22 -4.66 -21.88 -5.33
C HIS B 22 -4.14 -23.21 -4.80
N ARG B 23 -4.91 -24.06 -4.18
CA ARG B 23 -4.27 -25.32 -3.70
C ARG B 23 -3.60 -26.09 -4.83
N GLY B 24 -3.94 -25.80 -6.05
CA GLY B 24 -3.33 -26.48 -7.24
C GLY B 24 -1.78 -26.59 -7.07
N GLY B 25 -1.27 -25.82 -6.15
CA GLY B 25 0.17 -25.78 -5.81
C GLY B 25 0.72 -24.37 -5.83
N SER B 26 0.21 -23.51 -6.67
CA SER B 26 0.74 -22.11 -6.70
C SER B 26 0.08 -21.08 -5.78
N VAL B 27 0.88 -20.09 -5.49
CA VAL B 27 0.45 -18.97 -4.63
C VAL B 27 0.78 -17.78 -5.56
N THR B 28 -0.08 -16.81 -5.67
CA THR B 28 0.25 -15.67 -6.58
C THR B 28 0.22 -14.44 -5.72
N TYR B 29 0.84 -13.41 -6.20
CA TYR B 29 0.87 -12.15 -5.42
C TYR B 29 -0.47 -11.51 -5.69
N VAL B 30 -0.96 -10.85 -4.70
CA VAL B 30 -2.25 -10.15 -4.79
C VAL B 30 -1.95 -8.64 -4.73
N CYS B 31 -1.59 -8.14 -3.58
CA CYS B 31 -1.29 -6.68 -3.41
C CYS B 31 -0.32 -6.49 -2.26
N GLY B 32 0.04 -5.25 -2.05
CA GLY B 32 0.98 -4.88 -0.97
C GLY B 32 0.16 -4.44 0.23
N GLY B 33 0.80 -4.07 1.29
CA GLY B 33 0.09 -3.60 2.53
C GLY B 33 1.10 -3.01 3.46
N SER B 34 0.67 -2.56 4.61
CA SER B 34 1.61 -1.96 5.61
C SER B 34 1.30 -2.43 7.01
N LEU B 35 2.28 -2.57 7.85
CA LEU B 35 2.07 -3.04 9.25
C LEU B 35 1.78 -1.77 10.13
N MET B 36 0.64 -1.78 10.78
CA MET B 36 0.18 -0.65 11.67
C MET B 36 0.58 -0.93 13.10
N SER B 37 0.31 -2.14 13.48
CA SER B 37 0.63 -2.61 14.83
C SER B 37 1.08 -4.06 14.65
N PRO B 38 1.69 -4.63 15.66
CA PRO B 38 2.09 -6.07 15.66
C PRO B 38 1.21 -7.05 14.91
N CYS B 39 -0.07 -6.90 15.12
CA CYS B 39 -1.06 -7.80 14.46
C CYS B 39 -1.94 -7.20 13.41
N TRP B 40 -1.72 -5.99 12.98
CA TRP B 40 -2.66 -5.48 11.93
C TRP B 40 -1.89 -4.90 10.74
N VAL B 41 -2.36 -5.28 9.58
CA VAL B 41 -1.77 -4.81 8.31
C VAL B 41 -2.95 -4.10 7.63
N ILE B 42 -2.68 -3.06 6.92
CA ILE B 42 -3.78 -2.31 6.25
C ILE B 42 -3.38 -2.41 4.78
N SER B 43 -4.36 -2.46 3.94
CA SER B 43 -4.14 -2.56 2.46
C SER B 43 -5.40 -1.92 1.85
N ALA B 44 -5.79 -2.41 0.70
CA ALA B 44 -6.98 -1.90 -0.04
C ALA B 44 -8.08 -2.92 -0.30
N THR B 45 -9.29 -2.64 0.12
CA THR B 45 -10.44 -3.58 -0.12
C THR B 45 -10.53 -4.15 -1.56
N HIS B 46 -10.29 -3.37 -2.59
CA HIS B 46 -10.43 -3.99 -3.95
C HIS B 46 -9.48 -5.14 -4.22
N CYS B 47 -8.54 -5.34 -3.35
CA CYS B 47 -7.55 -6.46 -3.54
C CYS B 47 -8.19 -7.81 -3.17
N PHE B 48 -9.10 -7.69 -2.23
CA PHE B 48 -9.88 -8.86 -1.66
C PHE B 48 -11.30 -8.98 -2.18
N ILE B 49 -11.90 -7.88 -2.54
CA ILE B 49 -13.30 -7.87 -3.07
C ILE B 49 -13.76 -9.08 -3.89
N ASP B 50 -13.02 -9.42 -4.90
CA ASP B 50 -13.49 -10.59 -5.71
C ASP B 50 -13.32 -11.93 -5.05
N TYR B 51 -12.46 -12.09 -4.09
CA TYR B 51 -12.34 -13.44 -3.46
C TYR B 51 -12.12 -13.32 -1.93
N PRO B 52 -13.09 -12.89 -1.19
CA PRO B 52 -12.90 -12.60 0.26
C PRO B 52 -12.79 -13.86 1.16
N LYS B 53 -12.09 -14.86 0.73
CA LYS B 53 -11.93 -16.11 1.53
C LYS B 53 -10.58 -15.99 2.24
N LYS B 54 -10.60 -15.41 3.41
CA LYS B 54 -9.36 -15.20 4.21
C LYS B 54 -8.43 -16.40 4.27
N GLU B 55 -9.06 -17.53 4.47
CA GLU B 55 -8.30 -18.81 4.58
C GLU B 55 -7.34 -19.06 3.41
N ASP B 56 -7.52 -18.38 2.32
CA ASP B 56 -6.58 -18.62 1.19
C ASP B 56 -5.54 -17.55 0.98
N TYR B 57 -5.41 -16.59 1.84
CA TYR B 57 -4.37 -15.54 1.61
C TYR B 57 -3.23 -15.71 2.61
N ILE B 58 -2.03 -15.41 2.19
CA ILE B 58 -0.84 -15.55 3.10
C ILE B 58 -0.21 -14.16 3.15
N VAL B 59 0.31 -13.74 4.26
CA VAL B 59 0.94 -12.41 4.33
C VAL B 59 2.41 -12.66 4.80
N TYR B 60 3.32 -11.94 4.21
CA TYR B 60 4.75 -12.06 4.57
C TYR B 60 5.28 -10.68 4.91
N LEU B 61 6.10 -10.68 5.91
CA LEU B 61 6.73 -9.43 6.38
C LEU B 61 8.23 -9.76 6.22
N GLY B 62 9.02 -8.75 5.99
CA GLY B 62 10.49 -8.91 5.81
C GLY B 62 10.86 -9.62 4.51
N ARG B 63 10.16 -9.36 3.45
CA ARG B 63 10.45 -10.04 2.15
C ARG B 63 10.98 -9.01 1.16
N SER B 64 12.11 -9.28 0.57
CA SER B 64 12.67 -8.31 -0.42
C SER B 64 12.38 -8.83 -1.81
N ARG B 65 12.08 -10.09 -1.94
CA ARG B 65 11.78 -10.65 -3.29
C ARG B 65 10.37 -11.17 -3.32
N LEU B 66 9.88 -11.19 -4.50
CA LEU B 66 8.50 -11.65 -4.74
C LEU B 66 8.27 -13.16 -4.63
N ASN B 67 9.05 -13.95 -5.34
CA ASN B 67 8.82 -15.43 -5.24
C ASN B 67 9.96 -16.20 -4.59
N SER B 68 10.96 -15.56 -4.07
CA SER B 68 12.07 -16.31 -3.43
C SER B 68 12.10 -15.79 -1.99
N ASN B 69 12.61 -16.59 -1.11
CA ASN B 69 12.64 -16.16 0.31
C ASN B 69 13.69 -15.12 0.54
N THR B 70 13.56 -14.48 1.66
CA THR B 70 14.49 -13.44 2.11
C THR B 70 14.74 -13.97 3.52
N GLN B 71 15.91 -13.82 4.07
CA GLN B 71 16.09 -14.38 5.45
C GLN B 71 15.50 -13.33 6.36
N GLY B 72 14.83 -13.77 7.39
CA GLY B 72 14.22 -12.83 8.36
C GLY B 72 12.72 -12.68 8.14
N GLU B 73 12.26 -13.11 7.00
CA GLU B 73 10.80 -12.97 6.74
C GLU B 73 9.94 -13.78 7.71
N MET B 74 8.73 -13.31 7.86
CA MET B 74 7.74 -13.97 8.75
C MET B 74 6.57 -14.21 7.82
N LYS B 75 5.88 -15.29 8.05
CA LYS B 75 4.70 -15.68 7.24
C LYS B 75 3.53 -15.73 8.24
N PHE B 76 2.37 -15.27 7.86
CA PHE B 76 1.18 -15.29 8.77
C PHE B 76 -0.06 -15.70 8.00
N GLU B 77 -1.05 -16.06 8.75
CA GLU B 77 -2.36 -16.48 8.17
C GLU B 77 -3.16 -15.20 8.49
N VAL B 78 -4.26 -15.04 7.83
CA VAL B 78 -5.13 -13.82 8.04
C VAL B 78 -6.19 -14.28 9.04
N GLU B 79 -6.15 -13.73 10.22
CA GLU B 79 -7.13 -14.11 11.28
C GLU B 79 -8.42 -13.35 11.01
N ASN B 80 -8.30 -12.10 10.63
CA ASN B 80 -9.53 -11.29 10.33
C ASN B 80 -9.28 -10.55 9.04
N LEU B 81 -10.27 -10.45 8.21
CA LEU B 81 -10.14 -9.73 6.92
C LEU B 81 -11.29 -8.74 6.98
N ILE B 82 -11.00 -7.51 7.22
CA ILE B 82 -12.06 -6.46 7.32
C ILE B 82 -12.01 -5.58 6.07
N LEU B 83 -13.07 -5.65 5.31
CA LEU B 83 -13.15 -4.84 4.06
C LEU B 83 -14.09 -3.69 4.46
N HIS B 84 -14.01 -2.62 3.74
CA HIS B 84 -14.88 -1.44 4.08
C HIS B 84 -16.28 -1.53 3.49
N LYS B 85 -17.24 -1.29 4.35
CA LYS B 85 -18.66 -1.35 3.88
C LYS B 85 -18.71 0.05 3.23
N ASP B 86 -19.28 0.17 2.07
CA ASP B 86 -19.39 1.47 1.33
C ASP B 86 -18.25 1.55 0.35
N TYR B 87 -17.67 0.43 0.02
CA TYR B 87 -16.55 0.46 -0.95
C TYR B 87 -17.26 0.48 -2.32
N SER B 88 -16.82 1.24 -3.27
CA SER B 88 -17.54 1.23 -4.58
C SER B 88 -16.51 1.41 -5.68
N ALA B 89 -16.81 0.99 -6.87
CA ALA B 89 -15.86 1.14 -7.98
C ALA B 89 -16.71 1.68 -9.10
N ASP B 90 -16.14 2.56 -9.87
CA ASP B 90 -16.88 3.18 -11.00
C ASP B 90 -15.91 3.04 -12.17
N THR B 91 -16.15 3.77 -13.22
CA THR B 91 -15.25 3.73 -14.38
C THR B 91 -14.00 4.53 -13.98
N LEU B 92 -13.18 3.94 -13.14
CA LEU B 92 -11.89 4.51 -12.61
C LEU B 92 -11.69 4.50 -11.11
N ALA B 93 -12.49 5.27 -10.41
CA ALA B 93 -12.27 5.30 -8.94
C ALA B 93 -12.89 4.20 -8.13
N HIS B 94 -12.25 4.03 -7.01
CA HIS B 94 -12.61 3.04 -5.96
C HIS B 94 -12.88 3.95 -4.77
N HIS B 95 -13.99 3.80 -4.14
CA HIS B 95 -14.33 4.65 -2.98
C HIS B 95 -14.17 3.77 -1.75
N ASN B 96 -13.75 4.38 -0.67
CA ASN B 96 -13.50 3.72 0.68
C ASN B 96 -12.69 2.45 0.46
N ASP B 97 -11.60 2.66 -0.22
CA ASP B 97 -10.68 1.54 -0.55
C ASP B 97 -9.54 1.33 0.44
N ILE B 98 -9.90 0.80 1.57
CA ILE B 98 -8.92 0.54 2.64
C ILE B 98 -9.40 -0.80 3.24
N ALA B 99 -8.49 -1.63 3.72
CA ALA B 99 -8.87 -2.94 4.31
C ALA B 99 -7.93 -3.22 5.45
N LEU B 100 -8.35 -4.01 6.40
CA LEU B 100 -7.46 -4.33 7.56
C LEU B 100 -7.36 -5.84 7.57
N LEU B 101 -6.21 -6.35 7.87
CA LEU B 101 -5.98 -7.82 7.93
C LEU B 101 -5.38 -8.07 9.29
N LYS B 102 -5.97 -8.93 10.04
CA LYS B 102 -5.39 -9.20 11.37
C LYS B 102 -4.60 -10.44 10.99
N ILE B 103 -3.39 -10.50 11.44
CA ILE B 103 -2.49 -11.65 11.14
C ILE B 103 -2.20 -12.46 12.40
N ARG B 104 -1.87 -13.70 12.22
CA ARG B 104 -1.54 -14.60 13.36
C ARG B 104 -0.52 -15.56 12.73
N SER B 105 0.52 -15.97 13.40
CA SER B 105 1.46 -16.91 12.72
C SER B 105 1.04 -18.35 13.12
N LYS B 106 1.60 -19.36 12.50
CA LYS B 106 1.21 -20.76 12.88
C LYS B 106 1.48 -21.04 14.36
N GLU B 107 2.26 -20.20 14.98
CA GLU B 107 2.56 -20.41 16.43
C GLU B 107 1.58 -19.59 17.25
N GLY B 108 0.86 -18.73 16.62
CA GLY B 108 -0.14 -17.90 17.35
C GLY B 108 0.40 -16.56 17.79
N ARG B 109 1.34 -16.05 17.07
CA ARG B 109 1.89 -14.73 17.47
C ARG B 109 1.72 -13.77 16.33
N CYS B 110 2.01 -12.53 16.61
CA CYS B 110 1.89 -11.48 15.58
C CYS B 110 3.30 -11.11 15.19
N ALA B 111 3.45 -10.06 14.43
CA ALA B 111 4.80 -9.65 14.00
C ALA B 111 5.69 -9.33 15.19
N GLN B 112 6.95 -9.58 14.99
CA GLN B 112 8.00 -9.33 16.02
C GLN B 112 8.89 -8.30 15.30
N PRO B 113 9.52 -7.40 16.02
CA PRO B 113 10.40 -6.36 15.43
C PRO B 113 11.79 -6.91 15.06
N SER B 114 12.35 -6.43 14.00
CA SER B 114 13.69 -6.87 13.57
C SER B 114 14.21 -5.73 12.73
N ARG B 115 15.28 -5.95 12.03
CA ARG B 115 15.86 -4.88 11.18
C ARG B 115 15.13 -4.90 9.82
N THR B 116 14.21 -5.84 9.63
CA THR B 116 13.45 -5.90 8.34
C THR B 116 11.93 -5.86 8.59
N ILE B 117 11.54 -5.69 9.85
CA ILE B 117 10.09 -5.64 10.19
C ILE B 117 9.89 -4.51 11.19
N GLN B 118 9.17 -3.48 10.79
CA GLN B 118 8.85 -2.28 11.66
C GLN B 118 7.46 -1.83 11.30
N THR B 119 6.84 -1.09 12.16
CA THR B 119 5.46 -0.63 11.83
C THR B 119 5.60 0.78 11.24
N ILE B 120 4.58 1.29 10.58
CA ILE B 120 4.69 2.66 10.01
C ILE B 120 3.75 3.46 10.95
N CYS B 121 3.90 4.76 10.99
CA CYS B 121 3.03 5.58 11.88
C CYS B 121 1.78 6.04 11.12
N LEU B 122 0.74 6.27 11.87
CA LEU B 122 -0.54 6.72 11.25
C LEU B 122 -0.52 8.23 11.42
N PRO B 123 -1.28 8.93 10.61
CA PRO B 123 -1.44 10.39 10.77
C PRO B 123 -2.45 10.69 11.87
N SER B 124 -2.61 11.95 12.15
CA SER B 124 -3.59 12.35 13.19
C SER B 124 -4.84 12.73 12.36
N MET B 125 -5.97 12.70 13.02
CA MET B 125 -7.28 13.04 12.38
C MET B 125 -7.15 14.16 11.36
N TYR B 126 -7.50 13.86 10.14
CA TYR B 126 -7.44 14.81 8.97
C TYR B 126 -6.17 15.67 8.91
N ASN B 127 -5.06 15.08 9.25
CA ASN B 127 -3.77 15.82 9.23
C ASN B 127 -2.98 15.22 8.06
N ASP B 128 -2.74 16.01 7.05
CA ASP B 128 -2.00 15.56 5.82
C ASP B 128 -0.77 16.46 5.58
N PRO B 129 0.19 15.99 4.84
CA PRO B 129 1.22 16.90 4.32
C PRO B 129 0.56 17.84 3.33
N GLN B 130 1.26 18.86 2.99
CA GLN B 130 0.75 19.88 2.02
C GLN B 130 1.17 19.41 0.64
N PHE B 131 0.42 19.77 -0.38
CA PHE B 131 0.79 19.32 -1.75
C PHE B 131 2.21 19.85 -1.95
N GLY B 132 3.03 19.14 -2.67
CA GLY B 132 4.43 19.64 -2.87
C GLY B 132 5.31 18.64 -2.13
N THR B 133 4.87 18.14 -1.00
CA THR B 133 5.71 17.16 -0.25
C THR B 133 6.08 15.97 -1.20
N SER B 134 7.27 15.45 -1.06
CA SER B 134 7.73 14.32 -1.91
C SER B 134 7.50 13.17 -0.98
N CYS B 135 6.88 12.11 -1.44
CA CYS B 135 6.61 10.90 -0.60
C CYS B 135 7.11 9.69 -1.36
N GLU B 136 7.16 8.57 -0.71
CA GLU B 136 7.64 7.38 -1.45
C GLU B 136 6.58 6.31 -1.47
N ILE B 137 6.58 5.57 -2.53
CA ILE B 137 5.63 4.47 -2.70
C ILE B 137 6.59 3.28 -2.93
N THR B 138 6.17 2.10 -2.60
CA THR B 138 7.03 0.95 -2.78
C THR B 138 6.13 -0.23 -3.22
N GLY B 139 6.71 -1.25 -3.79
CA GLY B 139 5.85 -2.39 -4.21
C GLY B 139 6.50 -3.27 -5.26
N PHE B 140 5.78 -4.31 -5.59
CA PHE B 140 6.21 -5.33 -6.60
C PHE B 140 5.32 -5.21 -7.83
N GLY B 141 4.84 -4.06 -8.15
CA GLY B 141 3.97 -3.98 -9.35
C GLY B 141 4.74 -3.81 -10.62
N LYS B 142 4.01 -3.88 -11.69
CA LYS B 142 4.61 -3.74 -13.04
C LYS B 142 5.57 -2.59 -13.14
N GLU B 143 6.48 -2.78 -14.05
CA GLU B 143 7.54 -1.80 -14.35
C GLU B 143 7.18 -1.04 -15.61
N ALA B 144 6.27 -1.56 -16.37
CA ALA B 144 5.82 -0.91 -17.62
C ALA B 144 4.39 -1.43 -17.72
N SER B 145 3.49 -0.62 -18.17
CA SER B 145 2.06 -1.02 -18.30
C SER B 145 1.89 -2.26 -19.22
N THR B 146 2.73 -2.38 -20.22
CA THR B 146 2.63 -3.54 -21.15
C THR B 146 3.21 -4.85 -20.59
N ASP B 147 3.87 -4.78 -19.46
CA ASP B 147 4.45 -6.04 -18.94
C ASP B 147 3.32 -6.91 -18.47
N TYR B 148 3.57 -8.19 -18.42
CA TYR B 148 2.51 -9.12 -17.95
C TYR B 148 3.03 -9.93 -16.75
N LEU B 149 4.21 -9.59 -16.27
CA LEU B 149 4.85 -10.29 -15.10
C LEU B 149 5.22 -9.14 -14.15
N TYR B 150 5.50 -9.47 -12.93
CA TYR B 150 5.89 -8.43 -11.91
C TYR B 150 7.41 -8.62 -11.68
N PRO B 151 8.13 -7.59 -11.28
CA PRO B 151 9.57 -7.74 -10.97
C PRO B 151 9.74 -8.68 -9.82
N GLU B 152 10.94 -9.16 -9.68
CA GLU B 152 11.20 -10.11 -8.58
C GLU B 152 11.78 -9.39 -7.40
N GLN B 153 12.32 -8.22 -7.66
CA GLN B 153 12.94 -7.43 -6.56
C GLN B 153 12.02 -6.27 -6.24
N LEU B 154 11.90 -6.00 -4.99
CA LEU B 154 11.03 -4.88 -4.54
C LEU B 154 11.61 -3.58 -5.11
N LYS B 155 10.73 -2.66 -5.40
CA LYS B 155 11.13 -1.36 -5.95
C LYS B 155 10.53 -0.26 -5.08
N MET B 156 11.04 0.91 -5.30
CA MET B 156 10.59 2.12 -4.55
C MET B 156 10.79 3.32 -5.47
N THR B 157 10.08 4.38 -5.22
CA THR B 157 10.24 5.60 -6.07
C THR B 157 9.68 6.75 -5.21
N VAL B 158 9.88 7.95 -5.69
CA VAL B 158 9.42 9.15 -4.98
C VAL B 158 8.45 9.82 -5.92
N VAL B 159 7.39 10.29 -5.33
CA VAL B 159 6.36 10.99 -6.12
C VAL B 159 5.98 12.22 -5.27
N LYS B 160 5.41 13.22 -5.89
CA LYS B 160 5.03 14.44 -5.12
C LYS B 160 3.51 14.49 -4.98
N LEU B 161 3.09 15.11 -3.92
CA LEU B 161 1.61 15.23 -3.69
C LEU B 161 1.15 16.43 -4.51
N ILE B 162 0.00 16.33 -5.14
CA ILE B 162 -0.53 17.46 -5.95
C ILE B 162 -1.86 17.82 -5.23
N SER B 163 -2.41 18.97 -5.49
CA SER B 163 -3.69 19.34 -4.81
C SER B 163 -4.93 18.70 -5.45
N HIS B 164 -6.08 18.83 -4.85
CA HIS B 164 -7.31 18.23 -5.46
C HIS B 164 -7.67 19.14 -6.60
N ARG B 165 -7.49 20.40 -6.40
CA ARG B 165 -7.80 21.41 -7.47
C ARG B 165 -7.09 20.95 -8.75
N GLU B 166 -5.82 20.64 -8.64
CA GLU B 166 -5.04 20.20 -9.83
C GLU B 166 -5.52 18.86 -10.35
N CYS B 167 -5.73 17.95 -9.45
CA CYS B 167 -6.20 16.59 -9.83
C CYS B 167 -7.65 16.51 -10.35
N GLN B 168 -8.46 17.45 -9.98
CA GLN B 168 -9.87 17.39 -10.46
C GLN B 168 -10.04 18.27 -11.67
N GLN B 169 -8.94 18.65 -12.27
CA GLN B 169 -9.12 19.50 -13.47
C GLN B 169 -9.77 18.50 -14.43
N PRO B 170 -10.65 18.95 -15.29
CA PRO B 170 -11.37 18.05 -16.26
C PRO B 170 -10.47 17.14 -17.12
N HIS B 171 -9.28 17.63 -17.37
CA HIS B 171 -8.36 16.84 -18.21
C HIS B 171 -7.54 15.90 -17.36
N TYR B 172 -7.79 15.89 -16.09
CA TYR B 172 -7.06 14.99 -15.15
C TYR B 172 -8.18 14.05 -14.76
N TYR B 173 -8.70 14.09 -13.57
CA TYR B 173 -9.79 13.14 -13.23
C TYR B 173 -11.14 13.75 -12.93
N GLY B 174 -11.29 15.03 -13.05
CA GLY B 174 -12.64 15.61 -12.74
C GLY B 174 -13.06 15.22 -11.33
N SER B 175 -14.34 15.08 -11.13
CA SER B 175 -14.89 14.72 -9.80
C SER B 175 -14.83 13.25 -9.45
N GLU B 176 -13.94 12.56 -10.10
CA GLU B 176 -13.82 11.09 -9.80
C GLU B 176 -13.04 10.93 -8.50
N VAL B 177 -12.26 11.94 -8.25
CA VAL B 177 -11.38 11.99 -7.05
C VAL B 177 -12.16 12.79 -5.98
N THR B 178 -12.23 12.26 -4.79
CA THR B 178 -12.97 12.96 -3.71
C THR B 178 -11.95 13.46 -2.65
N THR B 179 -12.46 14.00 -1.58
CA THR B 179 -11.58 14.53 -0.51
C THR B 179 -11.10 13.39 0.38
N LYS B 180 -11.54 12.19 0.10
CA LYS B 180 -11.11 11.01 0.92
C LYS B 180 -10.07 10.26 0.05
N MET B 181 -9.56 10.97 -0.91
CA MET B 181 -8.53 10.44 -1.84
C MET B 181 -7.46 11.53 -1.91
N LEU B 182 -6.30 11.12 -2.33
CA LEU B 182 -5.09 11.99 -2.49
C LEU B 182 -4.52 11.63 -3.87
N CYS B 183 -3.90 12.57 -4.50
CA CYS B 183 -3.29 12.34 -5.84
C CYS B 183 -1.78 12.58 -5.71
N ALA B 184 -0.99 11.81 -6.38
CA ALA B 184 0.48 12.03 -6.31
C ALA B 184 1.03 11.67 -7.69
N ALA B 185 1.91 12.47 -8.21
CA ALA B 185 2.49 12.20 -9.56
C ALA B 185 3.92 12.71 -9.54
N ASP B 186 4.59 12.44 -10.61
CA ASP B 186 6.00 12.88 -10.76
C ASP B 186 5.87 14.11 -11.68
N PRO B 187 6.56 15.20 -11.41
CA PRO B 187 6.49 16.44 -12.23
C PRO B 187 6.66 16.19 -13.73
N GLN B 188 7.50 15.22 -13.97
CA GLN B 188 7.84 14.80 -15.37
C GLN B 188 7.13 13.51 -15.77
N TRP B 189 6.09 13.16 -15.07
CA TRP B 189 5.31 11.89 -15.34
C TRP B 189 6.23 10.74 -15.78
N LYS B 190 7.32 10.63 -15.10
CA LYS B 190 8.32 9.57 -15.41
C LYS B 190 8.25 8.35 -14.48
N THR B 191 7.78 8.52 -13.27
CA THR B 191 7.69 7.35 -12.35
C THR B 191 6.24 7.36 -11.79
N ASP B 192 5.77 6.27 -11.24
CA ASP B 192 4.36 6.21 -10.70
C ASP B 192 4.13 4.79 -10.14
N SER B 193 2.93 4.55 -9.66
CA SER B 193 2.56 3.22 -9.10
C SER B 193 1.90 2.57 -10.32
N CYS B 194 1.60 1.31 -10.23
CA CYS B 194 0.96 0.63 -11.37
C CYS B 194 0.36 -0.66 -10.84
N GLN B 195 -0.23 -1.36 -11.77
CA GLN B 195 -0.91 -2.64 -11.54
C GLN B 195 0.03 -3.51 -10.69
N GLY B 196 -0.45 -4.02 -9.60
CA GLY B 196 0.40 -4.86 -8.71
C GLY B 196 0.88 -4.03 -7.55
N ASP B 197 0.76 -2.73 -7.66
CA ASP B 197 1.22 -1.89 -6.50
C ASP B 197 0.03 -1.60 -5.52
N SER B 198 -1.18 -1.92 -5.93
CA SER B 198 -2.40 -1.70 -5.06
C SER B 198 -2.16 -2.12 -3.61
N GLY B 199 -2.69 -1.35 -2.68
CA GLY B 199 -2.51 -1.71 -1.25
C GLY B 199 -1.27 -1.23 -0.53
N GLY B 200 -0.24 -0.99 -1.28
CA GLY B 200 1.00 -0.54 -0.59
C GLY B 200 0.97 0.89 -0.17
N PRO B 201 1.99 1.28 0.53
CA PRO B 201 2.02 2.59 1.18
C PRO B 201 2.60 3.72 0.36
N LEU B 202 2.17 4.89 0.75
CA LEU B 202 2.56 6.21 0.19
C LEU B 202 3.05 6.74 1.56
N VAL B 203 4.33 6.86 1.75
CA VAL B 203 4.84 7.37 3.04
C VAL B 203 5.42 8.76 2.83
N CYS B 204 5.05 9.61 3.72
CA CYS B 204 5.50 11.02 3.69
C CYS B 204 5.89 11.25 5.12
N SER B 205 6.50 12.35 5.40
CA SER B 205 6.87 12.58 6.79
C SER B 205 5.89 13.64 7.27
N LEU B 206 5.43 13.48 8.46
CA LEU B 206 4.45 14.41 9.10
C LEU B 206 4.87 14.58 10.52
N GLN B 207 5.11 15.80 10.90
CA GLN B 207 5.51 16.11 12.30
C GLN B 207 6.79 15.45 12.78
N GLY B 208 7.54 14.90 11.87
CA GLY B 208 8.79 14.24 12.27
C GLY B 208 8.68 12.75 12.20
N ARG B 209 7.55 12.25 11.79
CA ARG B 209 7.37 10.76 11.70
C ARG B 209 7.18 10.39 10.22
N MET B 210 7.47 9.17 9.90
CA MET B 210 7.32 8.68 8.50
C MET B 210 5.90 8.21 8.74
N THR B 211 4.97 8.78 8.04
CA THR B 211 3.54 8.42 8.19
C THR B 211 2.96 7.75 6.94
N LEU B 212 2.02 6.86 7.19
CA LEU B 212 1.34 6.14 6.09
C LEU B 212 0.37 7.25 5.68
N THR B 213 0.64 7.89 4.59
CA THR B 213 -0.26 8.98 4.15
C THR B 213 -1.31 8.43 3.20
N GLY B 214 -0.93 7.53 2.32
CA GLY B 214 -1.97 7.00 1.39
C GLY B 214 -1.78 5.54 1.12
N ILE B 215 -2.76 4.96 0.48
CA ILE B 215 -2.77 3.52 0.10
C ILE B 215 -2.89 3.52 -1.42
N VAL B 216 -2.02 2.82 -2.10
CA VAL B 216 -2.08 2.76 -3.59
C VAL B 216 -3.49 2.21 -3.92
N SER B 217 -4.24 3.00 -4.63
CA SER B 217 -5.62 2.65 -5.03
C SER B 217 -5.90 2.52 -6.54
N TRP B 218 -5.78 3.57 -7.32
CA TRP B 218 -6.06 3.45 -8.80
C TRP B 218 -5.35 4.50 -9.61
N GLY B 219 -5.50 4.45 -10.90
CA GLY B 219 -4.84 5.44 -11.78
C GLY B 219 -5.17 5.05 -13.18
N ARG B 220 -5.14 5.95 -14.11
CA ARG B 220 -5.47 5.60 -15.53
C ARG B 220 -4.09 5.43 -16.13
N GLY B 221 -3.81 4.23 -16.57
CA GLY B 221 -2.48 3.98 -17.17
C GLY B 221 -1.47 4.09 -16.04
N CYS B 222 -0.22 4.16 -16.39
CA CYS B 222 0.83 4.28 -15.37
C CYS B 222 1.81 5.24 -15.98
N ALA B 223 2.24 6.18 -15.18
CA ALA B 223 3.22 7.25 -15.58
C ALA B 223 2.71 7.93 -16.85
N LEU B 224 1.44 8.25 -16.81
CA LEU B 224 0.82 8.95 -17.99
C LEU B 224 0.73 10.40 -17.60
N LYS B 225 0.77 11.23 -18.59
CA LYS B 225 0.69 12.68 -18.33
C LYS B 225 -0.72 13.03 -17.88
N ASP B 226 -0.81 13.87 -16.90
CA ASP B 226 -2.13 14.30 -16.36
C ASP B 226 -2.95 13.17 -15.79
N LYS B 227 -2.34 12.05 -15.52
CA LYS B 227 -3.09 10.89 -14.94
C LYS B 227 -2.28 10.49 -13.72
N PRO B 228 -2.47 11.25 -12.66
CA PRO B 228 -1.80 10.97 -11.37
C PRO B 228 -2.24 9.61 -10.83
N GLY B 229 -1.56 9.19 -9.81
CA GLY B 229 -1.95 7.89 -9.22
C GLY B 229 -2.83 8.44 -8.11
N VAL B 230 -3.80 7.69 -7.74
CA VAL B 230 -4.72 8.11 -6.66
C VAL B 230 -4.54 7.09 -5.53
N TYR B 231 -4.51 7.62 -4.35
CA TYR B 231 -4.33 6.85 -3.11
C TYR B 231 -5.51 7.11 -2.17
N THR B 232 -5.79 6.20 -1.27
CA THR B 232 -6.92 6.42 -0.31
C THR B 232 -6.28 7.40 0.72
N ARG B 233 -7.06 8.29 1.26
CA ARG B 233 -6.53 9.29 2.24
C ARG B 233 -6.74 8.77 3.66
N VAL B 234 -5.78 8.03 4.10
CA VAL B 234 -5.76 7.41 5.46
C VAL B 234 -6.21 8.34 6.61
N SER B 235 -5.83 9.59 6.57
CA SER B 235 -6.22 10.55 7.66
C SER B 235 -7.76 10.68 7.81
N HIS B 236 -8.44 10.40 6.75
CA HIS B 236 -9.92 10.50 6.73
C HIS B 236 -10.57 9.21 7.15
N PHE B 237 -9.76 8.23 7.47
CA PHE B 237 -10.34 6.90 7.90
C PHE B 237 -9.94 6.53 9.32
N LEU B 238 -9.20 7.40 9.96
CA LEU B 238 -8.76 7.14 11.36
C LEU B 238 -9.84 6.57 12.30
N PRO B 239 -11.03 7.11 12.34
CA PRO B 239 -12.11 6.54 13.18
C PRO B 239 -12.43 5.09 12.77
N TRP B 240 -12.61 4.90 11.50
CA TRP B 240 -12.92 3.55 10.95
C TRP B 240 -11.85 2.57 11.41
N ILE B 241 -10.64 3.00 11.28
CA ILE B 241 -9.50 2.14 11.70
C ILE B 241 -9.67 1.89 13.18
N ARG B 242 -9.75 2.94 13.95
CA ARG B 242 -9.90 2.79 15.44
C ARG B 242 -11.05 1.86 15.81
N SER B 243 -12.20 2.05 15.21
CA SER B 243 -13.34 1.17 15.55
C SER B 243 -13.07 -0.34 15.34
N HIS B 244 -12.02 -0.67 14.64
CA HIS B 244 -11.68 -2.11 14.41
C HIS B 244 -10.37 -2.57 15.02
N THR B 245 -9.62 -1.69 15.60
CA THR B 245 -8.29 -2.07 16.21
C THR B 245 -8.29 -1.86 17.74
C1 CIT C . 6.97 -20.86 3.30
O1 CIT C . 5.80 -21.15 3.13
O2 CIT C . 7.36 -19.72 3.59
C2 CIT C . 8.08 -21.98 3.17
C3 CIT C . 7.65 -23.48 3.53
O7 CIT C . 6.81 -23.31 4.65
C4 CIT C . 8.92 -24.33 3.98
C5 CIT C . 8.74 -25.88 3.95
O3 CIT C . 8.74 -26.44 2.87
O4 CIT C . 8.62 -26.48 5.01
C6 CIT C . 6.84 -24.20 2.44
O5 CIT C . 7.11 -23.95 1.28
O6 CIT C . 5.97 -24.97 2.82
H21 CIT C . 8.45 -21.95 2.15
H22 CIT C . 8.90 -21.71 3.81
HO7 CIT C . 6.07 -22.99 4.11
H41 CIT C . 9.73 -24.07 3.33
H42 CIT C . 9.18 -24.03 4.98
C1 CIT D . 4.31 -23.56 7.30
O1 CIT D . 4.89 -24.02 8.28
O2 CIT D . 4.27 -22.35 7.05
C2 CIT D . 3.58 -24.61 6.35
C3 CIT D . 4.15 -24.88 4.86
O7 CIT D . 4.56 -23.66 4.28
C4 CIT D . 2.98 -25.35 3.88
C5 CIT D . 1.84 -24.33 3.54
O3 CIT D . 2.14 -23.26 3.03
O4 CIT D . 0.69 -24.67 3.82
C6 CIT D . 5.28 -25.94 4.79
O5 CIT D . 5.02 -27.09 5.14
O6 CIT D . 6.38 -25.55 4.39
H21 CIT D . 3.55 -25.55 6.87
H22 CIT D . 2.55 -24.27 6.26
HO7 CIT D . 3.68 -23.25 4.21
H41 CIT D . 3.41 -25.65 2.94
H42 CIT D . 2.52 -26.22 4.33
C1 BMZ E . -2.40 2.19 -10.41
C2 BMZ E . -2.18 1.83 -9.06
C3 BMZ E . -2.62 0.60 -8.55
C4 BMZ E . -3.28 -0.22 -9.43
C5 BMZ E . -3.52 0.06 -10.72
C6 BMZ E . -3.10 1.26 -11.24
C7 BMZ E . -1.96 3.39 -10.94
N1 BMZ E . -1.98 3.52 -12.24
N2 BMZ E . -1.54 4.34 -10.15
N3 BMZ E . -3.80 -1.39 -9.27
N4 BMZ E . -4.17 -0.87 -11.38
C8 BMZ E . -4.32 -1.76 -10.41
C1' BMZ E . -5.01 -2.96 -10.53
C2' BMZ E . -5.49 -3.39 -11.76
C3' BMZ E . -6.23 -4.55 -11.90
C4' BMZ E . -6.53 -5.32 -10.77
C5' BMZ E . -6.06 -4.93 -9.53
C6' BMZ E . -5.31 -3.76 -9.40
O6' BMZ E . -4.85 -3.41 -8.12
HC2 BMZ E . -1.64 2.50 -8.41
HC3 BMZ E . -2.44 0.33 -7.53
HC6 BMZ E . -3.30 1.47 -12.27
HH11 BMZ E . -2.32 2.78 -12.83
HH12 BMZ E . -1.70 4.36 -12.72
HH21 BMZ E . -1.51 4.22 -9.15
HH22 BMZ E . -1.23 5.23 -10.51
HN3 BMZ E . -3.82 -1.93 -8.45
HC2' BMZ E . -5.25 -2.81 -12.63
HC3' BMZ E . -6.58 -4.84 -12.88
HC4' BMZ E . -7.10 -6.23 -10.88
HC5' BMZ E . -6.28 -5.53 -8.66
#